data_7O4F
#
_entry.id   7O4F
#
_cell.length_a   117.599
_cell.length_b   132.883
_cell.length_c   30.633
_cell.angle_alpha   90.000
_cell.angle_beta   90.000
_cell.angle_gamma   90.000
#
_symmetry.space_group_name_H-M   'P 21 21 2'
#
loop_
_entity.id
_entity.type
_entity.pdbx_description
1 polymer 'Pentatricopeptide repeat-containing protein At3g63370, chloroplastic'
2 non-polymer 'ZINC ION'
3 water water
#
_entity_poly.entity_id   1
_entity_poly.type   'polypeptide(L)'
_entity_poly.pdbx_seq_one_letter_code
;GAMGCSWIEMDGKVHKFTARDKSHPESKEIYEKLSEVTRKLEREVGYVADTKFVLHNVDEGEKVQMLHGHSERIAIAYGL
LRTPDRACLRITKNLRVCRDCHTFCKLVSKLFRRDIVMRDANRFHHFESGLCSCGDSW
;
_entity_poly.pdbx_strand_id   A,B,D,G
#
# COMPACT_ATOMS: atom_id res chain seq x y z
N MET A 3 -7.04 -7.69 -0.90
CA MET A 3 -8.31 -7.15 -1.38
C MET A 3 -9.02 -6.46 -0.21
N GLY A 4 -10.30 -6.74 0.00
CA GLY A 4 -10.86 -6.32 1.27
C GLY A 4 -10.52 -7.28 2.39
N CYS A 5 -9.29 -7.28 2.89
CA CYS A 5 -8.87 -8.22 3.93
C CYS A 5 -8.70 -7.50 5.26
N SER A 6 -9.05 -8.20 6.34
CA SER A 6 -8.71 -7.77 7.71
C SER A 6 -7.98 -8.89 8.42
N TRP A 7 -7.12 -8.52 9.32
CA TRP A 7 -6.42 -9.48 10.15
C TRP A 7 -6.70 -9.14 11.60
N ILE A 8 -6.84 -10.15 12.47
CA ILE A 8 -6.85 -9.89 13.90
C ILE A 8 -5.59 -10.50 14.50
N GLU A 9 -4.94 -9.72 15.37
CA GLU A 9 -3.75 -10.19 16.06
C GLU A 9 -4.06 -10.27 17.54
N MET A 10 -3.87 -11.45 18.12
CA MET A 10 -4.27 -11.75 19.50
C MET A 10 -3.03 -12.26 20.22
N ASP A 11 -2.35 -11.36 20.93
CA ASP A 11 -1.15 -11.68 21.68
C ASP A 11 -0.17 -12.48 20.80
N GLY A 12 0.09 -11.95 19.59
CA GLY A 12 1.03 -12.52 18.63
C GLY A 12 0.42 -13.42 17.58
N LYS A 13 -0.76 -13.98 17.83
CA LYS A 13 -1.37 -14.93 16.94
C LYS A 13 -2.25 -14.19 15.94
N VAL A 14 -2.28 -14.65 14.68
CA VAL A 14 -2.90 -13.89 13.59
C VAL A 14 -3.89 -14.74 12.80
N HIS A 15 -5.09 -14.20 12.55
CA HIS A 15 -6.10 -14.81 11.68
C HIS A 15 -6.54 -13.80 10.65
N LYS A 16 -6.66 -14.22 9.38
CA LYS A 16 -7.12 -13.34 8.32
C LYS A 16 -8.61 -13.57 8.07
N PHE A 17 -9.29 -12.49 7.71
CA PHE A 17 -10.69 -12.59 7.29
C PHE A 17 -10.96 -11.83 5.99
N THR A 18 -11.83 -12.39 5.14
CA THR A 18 -12.26 -11.71 3.91
C THR A 18 -13.78 -11.54 3.94
N ALA A 19 -14.31 -10.78 2.98
CA ALA A 19 -15.76 -10.70 2.85
C ALA A 19 -16.34 -12.08 2.59
N ARG A 20 -17.62 -12.23 2.89
CA ARG A 20 -18.28 -13.53 2.85
C ARG A 20 -18.04 -14.22 1.52
N ASP A 21 -17.49 -15.43 1.58
CA ASP A 21 -17.28 -16.25 0.40
C ASP A 21 -17.86 -17.63 0.70
N LYS A 22 -19.06 -17.89 0.19
CA LYS A 22 -19.70 -19.18 0.40
C LYS A 22 -18.87 -20.34 -0.18
N SER A 23 -18.00 -20.07 -1.16
CA SER A 23 -17.07 -21.11 -1.59
C SER A 23 -16.04 -21.44 -0.51
N HIS A 24 -15.72 -20.50 0.38
CA HIS A 24 -14.79 -20.72 1.49
C HIS A 24 -15.40 -20.17 2.77
N PRO A 25 -16.43 -20.82 3.30
CA PRO A 25 -17.15 -20.26 4.44
C PRO A 25 -16.33 -20.30 5.71
N GLU A 26 -16.46 -19.26 6.53
CA GLU A 26 -15.95 -19.31 7.88
C GLU A 26 -16.88 -20.17 8.76
N SER A 27 -16.41 -20.52 9.94
CA SER A 27 -17.21 -21.27 10.89
C SER A 27 -18.49 -20.52 11.23
N LYS A 28 -19.62 -21.25 11.17
CA LYS A 28 -20.92 -20.63 11.43
C LYS A 28 -20.97 -19.97 12.80
N GLU A 29 -20.23 -20.50 13.77
CA GLU A 29 -20.17 -19.89 15.09
C GLU A 29 -19.75 -18.43 15.03
N ILE A 30 -18.94 -18.05 14.05
CA ILE A 30 -18.49 -16.67 13.97
C ILE A 30 -19.60 -15.76 13.45
N TYR A 31 -20.31 -16.17 12.38
CA TYR A 31 -21.42 -15.37 11.88
C TYR A 31 -22.54 -15.26 12.91
N GLU A 32 -22.81 -16.34 13.64
CA GLU A 32 -23.77 -16.28 14.72
C GLU A 32 -23.37 -15.25 15.77
N LYS A 33 -22.09 -15.19 16.12
CA LYS A 33 -21.66 -14.18 17.07
C LYS A 33 -21.86 -12.78 16.50
N LEU A 34 -21.60 -12.59 15.21
CA LEU A 34 -21.80 -11.26 14.63
C LEU A 34 -23.25 -10.83 14.75
N SER A 35 -24.19 -11.71 14.37
CA SER A 35 -25.60 -11.31 14.43
C SER A 35 -26.02 -11.06 15.88
N GLU A 36 -25.52 -11.87 16.81
CA GLU A 36 -25.77 -11.66 18.23
C GLU A 36 -25.24 -10.31 18.70
N VAL A 37 -24.05 -9.90 18.25
CA VAL A 37 -23.46 -8.62 18.66
C VAL A 37 -24.24 -7.46 18.05
N THR A 38 -24.61 -7.60 16.78
CA THR A 38 -25.44 -6.60 16.14
C THR A 38 -26.76 -6.40 16.89
N ARG A 39 -27.46 -7.51 17.21
CA ARG A 39 -28.70 -7.38 17.96
C ARG A 39 -28.49 -6.71 19.32
N LYS A 40 -27.40 -7.06 20.01
CA LYS A 40 -27.16 -6.46 21.32
C LYS A 40 -26.83 -4.98 21.20
N LEU A 41 -26.13 -4.58 20.12
CA LEU A 41 -25.91 -3.16 19.86
C LEU A 41 -27.22 -2.43 19.62
N GLU A 42 -28.13 -3.03 18.85
CA GLU A 42 -29.45 -2.42 18.64
C GLU A 42 -30.23 -2.31 19.93
N ARG A 43 -30.17 -3.35 20.76
CA ARG A 43 -31.00 -3.41 21.96
C ARG A 43 -30.44 -2.54 23.09
N GLU A 44 -29.11 -2.42 23.19
CA GLU A 44 -28.47 -1.84 24.36
C GLU A 44 -27.94 -0.42 24.15
N VAL A 45 -27.77 0.03 22.90
CA VAL A 45 -27.20 1.34 22.66
C VAL A 45 -27.89 2.01 21.48
N GLY A 46 -29.00 1.43 21.03
CA GLY A 46 -29.79 2.01 19.97
C GLY A 46 -29.12 2.06 18.61
N TYR A 47 -28.13 1.19 18.37
CA TYR A 47 -27.44 1.06 17.08
C TYR A 47 -28.42 0.85 15.93
N VAL A 48 -28.19 1.58 14.83
CA VAL A 48 -28.94 1.48 13.58
C VAL A 48 -28.12 0.56 12.66
N ALA A 49 -28.49 -0.72 12.61
CA ALA A 49 -27.71 -1.71 11.89
C ALA A 49 -27.92 -1.58 10.38
N ASP A 50 -26.83 -1.52 9.62
CA ASP A 50 -26.86 -1.43 8.16
C ASP A 50 -26.70 -2.81 7.54
N THR A 51 -27.43 -3.03 6.45
CA THR A 51 -27.18 -4.12 5.51
C THR A 51 -27.31 -3.53 4.11
N LYS A 52 -26.32 -3.79 3.26
CA LYS A 52 -26.33 -3.24 1.91
C LYS A 52 -26.63 -4.34 0.89
N PHE A 53 -27.19 -3.93 -0.24
CA PHE A 53 -27.47 -4.84 -1.34
C PHE A 53 -27.48 -4.03 -2.64
N VAL A 54 -27.27 -4.71 -3.76
CA VAL A 54 -27.26 -4.08 -5.08
C VAL A 54 -28.23 -4.81 -5.98
N LEU A 55 -28.55 -4.17 -7.11
CA LEU A 55 -29.27 -4.82 -8.20
C LEU A 55 -28.56 -4.56 -9.52
N HIS A 56 -28.46 -5.62 -10.33
CA HIS A 56 -27.80 -5.58 -11.65
C HIS A 56 -28.84 -5.69 -12.74
N ASN A 57 -28.64 -4.97 -13.84
CA ASN A 57 -29.59 -4.94 -14.95
C ASN A 57 -29.34 -6.12 -15.88
N VAL A 58 -29.61 -7.32 -15.34
CA VAL A 58 -29.43 -8.56 -16.08
C VAL A 58 -30.60 -8.73 -17.04
N ASP A 59 -30.54 -9.78 -17.88
CA ASP A 59 -31.56 -10.07 -18.87
C ASP A 59 -32.69 -10.88 -18.25
N GLU A 60 -33.82 -10.93 -18.97
CA GLU A 60 -35.04 -11.62 -18.53
C GLU A 60 -35.57 -11.03 -17.21
N GLY A 61 -35.37 -9.73 -17.00
CA GLY A 61 -35.83 -9.08 -15.80
C GLY A 61 -34.76 -8.32 -15.05
N GLU A 62 -34.55 -8.69 -13.77
CA GLU A 62 -33.61 -7.99 -12.91
C GLU A 62 -33.24 -8.91 -11.75
N LYS A 63 -32.11 -8.62 -11.11
CA LYS A 63 -31.62 -9.45 -10.00
C LYS A 63 -31.05 -8.59 -8.88
N VAL A 64 -31.35 -8.99 -7.64
CA VAL A 64 -30.83 -8.33 -6.45
C VAL A 64 -29.75 -9.22 -5.85
N GLN A 65 -28.78 -8.60 -5.20
CA GLN A 65 -27.68 -9.33 -4.59
C GLN A 65 -27.27 -8.66 -3.30
N MET A 66 -27.35 -9.41 -2.20
CA MET A 66 -26.91 -8.86 -0.92
C MET A 66 -25.41 -8.67 -0.94
N LEU A 67 -24.96 -7.49 -0.52
CA LEU A 67 -23.54 -7.25 -0.31
C LEU A 67 -23.13 -7.81 1.04
N HIS A 68 -21.98 -8.46 1.06
CA HIS A 68 -21.46 -9.02 2.30
C HIS A 68 -20.89 -7.92 3.20
N GLY A 69 -21.22 -7.99 4.49
CA GLY A 69 -20.66 -7.04 5.44
C GLY A 69 -19.14 -7.04 5.39
N HIS A 70 -18.55 -5.94 5.85
CA HIS A 70 -17.10 -5.79 5.66
C HIS A 70 -16.30 -6.69 6.61
N SER A 71 -15.10 -7.06 6.18
CA SER A 71 -14.37 -8.15 6.86
C SER A 71 -13.98 -7.80 8.29
N GLU A 72 -13.83 -6.52 8.65
CA GLU A 72 -13.42 -6.26 10.01
C GLU A 72 -14.55 -6.55 11.01
N ARG A 73 -15.82 -6.58 10.58
CA ARG A 73 -16.82 -6.95 11.56
C ARG A 73 -16.73 -8.44 11.91
N ILE A 74 -16.44 -9.28 10.92
CA ILE A 74 -16.18 -10.70 11.18
C ILE A 74 -14.97 -10.88 12.09
N ALA A 75 -13.91 -10.12 11.82
CA ALA A 75 -12.70 -10.22 12.65
C ALA A 75 -12.99 -9.83 14.09
N ILE A 76 -13.80 -8.79 14.30
CA ILE A 76 -14.19 -8.38 15.63
C ILE A 76 -15.04 -9.44 16.33
N ALA A 77 -16.01 -10.04 15.63
CA ALA A 77 -16.79 -11.14 16.23
C ALA A 77 -15.89 -12.30 16.63
N TYR A 78 -14.94 -12.68 15.77
CA TYR A 78 -13.99 -13.73 16.11
C TYR A 78 -13.22 -13.37 17.38
N GLY A 79 -12.77 -12.11 17.47
CA GLY A 79 -12.03 -11.66 18.64
C GLY A 79 -12.85 -11.74 19.91
N LEU A 80 -14.12 -11.33 19.83
CA LEU A 80 -14.99 -11.42 21.01
C LEU A 80 -15.24 -12.87 21.42
N LEU A 81 -15.21 -13.81 20.48
CA LEU A 81 -15.36 -15.22 20.83
C LEU A 81 -14.09 -15.79 21.46
N ARG A 82 -12.92 -15.37 21.01
CA ARG A 82 -11.71 -16.14 21.26
C ARG A 82 -10.75 -15.52 22.26
N THR A 83 -10.91 -14.25 22.58
CA THR A 83 -10.02 -13.53 23.48
C THR A 83 -10.76 -13.22 24.77
N PRO A 84 -10.03 -13.03 25.88
CA PRO A 84 -10.68 -12.82 27.17
C PRO A 84 -11.50 -11.54 27.18
N ASP A 85 -12.44 -11.51 28.14
CA ASP A 85 -13.20 -10.30 28.37
C ASP A 85 -12.24 -9.15 28.64
N ARG A 86 -12.57 -7.98 28.08
CA ARG A 86 -11.86 -6.73 28.27
C ARG A 86 -10.56 -6.69 27.50
N ALA A 87 -10.20 -7.75 26.75
CA ALA A 87 -8.93 -7.73 26.03
C ALA A 87 -9.05 -6.80 24.84
N CYS A 88 -8.00 -6.02 24.59
CA CYS A 88 -7.95 -5.15 23.40
C CYS A 88 -8.01 -5.97 22.10
N LEU A 89 -8.82 -5.54 21.15
CA LEU A 89 -8.91 -6.19 19.84
C LEU A 89 -8.02 -5.40 18.89
N ARG A 90 -7.09 -6.09 18.23
CA ARG A 90 -6.18 -5.44 17.30
C ARG A 90 -6.46 -5.92 15.89
N ILE A 91 -6.93 -5.00 15.04
CA ILE A 91 -7.36 -5.31 13.67
C ILE A 91 -6.48 -4.53 12.70
N THR A 92 -6.04 -5.20 11.64
CA THR A 92 -5.36 -4.52 10.53
C THR A 92 -6.22 -4.65 9.28
N LYS A 93 -6.38 -3.56 8.53
CA LYS A 93 -7.12 -3.58 7.27
C LYS A 93 -6.23 -3.04 6.17
N ASN A 94 -6.41 -3.55 4.93
CA ASN A 94 -5.68 -2.90 3.84
C ASN A 94 -6.45 -1.76 3.18
N LEU A 95 -7.72 -1.56 3.48
CA LEU A 95 -8.44 -0.42 2.93
C LEU A 95 -8.76 0.57 4.03
N ARG A 96 -9.29 1.73 3.62
CA ARG A 96 -9.74 2.70 4.59
C ARG A 96 -11.03 2.21 5.23
N VAL A 97 -11.13 2.29 6.56
CA VAL A 97 -12.36 1.89 7.22
C VAL A 97 -13.51 2.80 6.77
N CYS A 98 -14.64 2.19 6.42
CA CYS A 98 -15.76 3.03 6.00
C CYS A 98 -16.50 3.63 7.22
N ARG A 99 -17.36 4.61 6.92
CA ARG A 99 -18.05 5.31 7.99
C ARG A 99 -18.89 4.36 8.85
N ASP A 100 -19.64 3.47 8.20
CA ASP A 100 -20.48 2.54 8.97
C ASP A 100 -19.65 1.58 9.83
N CYS A 101 -18.53 1.04 9.30
CA CYS A 101 -17.72 0.18 10.15
C CYS A 101 -17.06 0.95 11.29
N HIS A 102 -16.66 2.20 11.04
CA HIS A 102 -16.07 3.02 12.08
C HIS A 102 -17.05 3.21 13.23
N THR A 103 -18.30 3.45 12.89
CA THR A 103 -19.37 3.59 13.90
C THR A 103 -19.61 2.28 14.64
N PHE A 104 -19.69 1.15 13.91
CA PHE A 104 -19.74 -0.16 14.51
C PHE A 104 -18.62 -0.36 15.54
N CYS A 105 -17.39 -0.01 15.17
CA CYS A 105 -16.27 -0.18 16.10
C CYS A 105 -16.40 0.70 17.35
N LYS A 106 -16.82 1.97 17.18
CA LYS A 106 -17.06 2.84 18.32
C LYS A 106 -18.03 2.20 19.30
N LEU A 107 -19.17 1.73 18.78
CA LEU A 107 -20.21 1.20 19.63
C LEU A 107 -19.78 -0.10 20.27
N VAL A 108 -19.07 -0.95 19.53
CA VAL A 108 -18.55 -2.17 20.14
C VAL A 108 -17.61 -1.82 21.30
N SER A 109 -16.70 -0.86 21.09
CA SER A 109 -15.75 -0.48 22.17
C SER A 109 -16.47 -0.02 23.42
N LYS A 110 -17.64 0.60 23.25
CA LYS A 110 -18.40 1.06 24.39
C LYS A 110 -19.11 -0.09 25.07
N LEU A 111 -19.90 -0.85 24.30
CA LEU A 111 -20.80 -1.82 24.90
C LEU A 111 -20.06 -3.02 25.45
N PHE A 112 -19.04 -3.49 24.76
CA PHE A 112 -18.30 -4.67 25.20
C PHE A 112 -17.10 -4.34 26.06
N ARG A 113 -16.88 -3.05 26.35
CA ARG A 113 -15.81 -2.57 27.23
C ARG A 113 -14.45 -3.16 26.84
N ARG A 114 -14.17 -3.10 25.55
CA ARG A 114 -12.88 -3.47 25.01
C ARG A 114 -12.39 -2.32 24.17
N ASP A 115 -11.12 -1.96 24.32
CA ASP A 115 -10.51 -1.08 23.34
C ASP A 115 -10.33 -1.83 22.04
N ILE A 116 -10.40 -1.08 20.95
CA ILE A 116 -10.08 -1.63 19.65
C ILE A 116 -8.99 -0.78 19.04
N VAL A 117 -7.93 -1.43 18.58
CA VAL A 117 -6.88 -0.72 17.86
C VAL A 117 -6.97 -1.21 16.44
N MET A 118 -7.34 -0.33 15.51
CA MET A 118 -7.42 -0.68 14.09
C MET A 118 -6.41 0.13 13.29
N ARG A 119 -5.52 -0.56 12.59
CA ARG A 119 -4.68 0.11 11.60
C ARG A 119 -5.31 -0.13 10.25
N ASP A 120 -5.88 0.93 9.65
CA ASP A 120 -6.43 0.74 8.30
C ASP A 120 -5.39 1.22 7.30
N ALA A 121 -5.79 1.44 6.04
CA ALA A 121 -4.88 1.84 4.99
C ALA A 121 -4.03 3.05 5.36
N ASN A 122 -4.57 3.99 6.16
CA ASN A 122 -3.96 5.32 6.32
C ASN A 122 -3.68 5.74 7.75
N ARG A 123 -4.23 5.07 8.75
CA ARG A 123 -4.33 5.65 10.07
C ARG A 123 -4.44 4.55 11.13
N PHE A 124 -3.92 4.85 12.33
CA PHE A 124 -4.28 4.10 13.51
C PHE A 124 -5.53 4.71 14.14
N HIS A 125 -6.55 3.91 14.30
CA HIS A 125 -7.78 4.26 15.00
C HIS A 125 -7.77 3.57 16.35
N HIS A 126 -7.77 4.35 17.44
CA HIS A 126 -7.86 3.75 18.76
C HIS A 126 -9.23 4.05 19.36
N PHE A 127 -10.07 3.02 19.43
CA PHE A 127 -11.48 3.17 19.86
C PHE A 127 -11.54 2.83 21.34
N GLU A 128 -11.91 3.79 22.17
CA GLU A 128 -12.05 3.58 23.61
C GLU A 128 -13.38 4.14 24.06
N SER A 129 -14.18 3.30 24.71
CA SER A 129 -15.37 3.77 25.39
C SER A 129 -16.28 4.56 24.44
N GLY A 130 -16.33 4.14 23.19
CA GLY A 130 -17.29 4.74 22.26
C GLY A 130 -16.76 5.86 21.37
N LEU A 131 -15.48 6.25 21.52
CA LEU A 131 -14.86 7.37 20.79
C LEU A 131 -13.54 6.94 20.17
N CYS A 132 -13.17 7.59 19.06
CA CYS A 132 -11.93 7.21 18.38
C CYS A 132 -10.90 8.32 18.44
N SER A 133 -9.61 7.90 18.62
CA SER A 133 -8.49 8.83 18.58
C SER A 133 -8.43 9.68 17.30
N CYS A 134 -9.01 9.22 16.18
CA CYS A 134 -8.95 10.09 15.00
C CYS A 134 -9.93 11.26 15.08
N GLY A 135 -10.80 11.32 16.09
CA GLY A 135 -11.83 12.34 16.22
C GLY A 135 -12.86 12.35 15.10
N ASP A 136 -13.07 11.20 14.47
CA ASP A 136 -14.00 11.02 13.32
C ASP A 136 -13.58 11.83 12.09
N SER A 137 -12.29 12.08 11.95
CA SER A 137 -11.74 12.67 10.73
C SER A 137 -10.64 11.75 10.22
N TRP A 138 -10.87 11.08 9.09
CA TRP A 138 -9.88 10.13 8.60
C TRP A 138 -10.02 9.90 7.09
N MET B 3 8.11 4.47 1.31
CA MET B 3 8.02 5.58 2.25
C MET B 3 9.11 5.60 3.32
N GLY B 4 9.29 4.48 4.01
CA GLY B 4 10.35 4.38 4.99
C GLY B 4 9.94 4.67 6.42
N CYS B 5 8.64 4.67 6.73
CA CYS B 5 8.17 4.93 8.08
C CYS B 5 7.97 3.62 8.83
N SER B 6 8.13 3.68 10.16
CA SER B 6 7.74 2.62 11.11
C SER B 6 6.92 3.28 12.20
N TRP B 7 5.97 2.55 12.75
CA TRP B 7 5.22 3.03 13.91
C TRP B 7 5.39 2.00 15.01
N ILE B 8 5.38 2.45 16.27
CA ILE B 8 5.25 1.55 17.42
C ILE B 8 3.92 1.86 18.11
N GLU B 9 3.22 0.82 18.55
CA GLU B 9 1.90 0.92 19.18
C GLU B 9 1.97 0.27 20.55
N MET B 10 1.66 1.04 21.59
CA MET B 10 1.79 0.59 22.97
C MET B 10 0.46 0.88 23.65
N ASP B 11 -0.34 -0.17 23.88
CA ASP B 11 -1.66 -0.03 24.46
C ASP B 11 -2.50 1.02 23.68
N GLY B 12 -2.36 1.06 22.36
CA GLY B 12 -3.19 1.93 21.52
C GLY B 12 -2.60 3.31 21.30
N LYS B 13 -1.55 3.64 22.01
CA LYS B 13 -0.79 4.87 21.79
C LYS B 13 0.26 4.60 20.71
N VAL B 14 0.47 5.57 19.84
CA VAL B 14 1.25 5.36 18.61
C VAL B 14 2.26 6.49 18.39
N HIS B 15 3.48 6.11 17.99
CA HIS B 15 4.54 7.06 17.64
C HIS B 15 5.12 6.62 16.31
N LYS B 16 5.37 7.56 15.42
CA LYS B 16 5.97 7.27 14.11
C LYS B 16 7.46 7.59 14.13
N PHE B 17 8.24 6.77 13.40
CA PHE B 17 9.66 7.00 13.20
C PHE B 17 9.96 7.02 11.72
N THR B 18 10.69 8.05 11.31
CA THR B 18 11.18 8.16 9.94
C THR B 18 12.64 7.72 9.91
N ALA B 19 13.15 7.47 8.71
CA ALA B 19 14.52 6.98 8.49
C ALA B 19 15.51 7.73 9.37
N ARG B 20 15.77 8.99 9.05
CA ARG B 20 16.54 9.88 9.90
C ARG B 20 16.53 11.29 9.31
N ASP B 21 16.56 12.30 10.17
CA ASP B 21 16.59 13.68 9.70
C ASP B 21 17.27 14.53 10.76
N LYS B 22 18.31 15.27 10.35
CA LYS B 22 18.92 16.26 11.23
C LYS B 22 18.08 17.53 11.34
N SER B 23 17.05 17.68 10.52
CA SER B 23 16.06 18.72 10.68
C SER B 23 14.96 18.34 11.66
N HIS B 24 14.73 17.03 11.84
CA HIS B 24 13.70 16.53 12.77
C HIS B 24 14.20 15.24 13.41
N PRO B 25 15.08 15.35 14.39
CA PRO B 25 15.56 14.15 15.09
C PRO B 25 14.74 13.85 16.33
N GLU B 26 14.71 12.58 16.69
CA GLU B 26 14.06 12.15 17.93
C GLU B 26 14.93 12.52 19.14
N SER B 27 14.41 12.21 20.32
CA SER B 27 15.13 12.48 21.57
C SER B 27 16.48 11.80 21.55
N LYS B 28 17.48 12.48 22.12
CA LYS B 28 18.81 11.91 22.12
C LYS B 28 18.83 10.55 22.81
N GLU B 29 18.00 10.36 23.84
CA GLU B 29 18.05 9.09 24.57
C GLU B 29 17.66 7.91 23.69
N ILE B 30 16.87 8.14 22.65
CA ILE B 30 16.46 7.01 21.81
C ILE B 30 17.64 6.56 20.97
N TYR B 31 18.39 7.51 20.43
CA TYR B 31 19.61 7.17 19.71
C TYR B 31 20.66 6.56 20.63
N GLU B 32 20.79 7.07 21.87
CA GLU B 32 21.78 6.47 22.77
C GLU B 32 21.41 5.04 23.10
N LYS B 33 20.11 4.78 23.25
CA LYS B 33 19.64 3.41 23.50
C LYS B 33 19.88 2.50 22.29
N LEU B 34 19.60 2.99 21.08
CA LEU B 34 19.85 2.14 19.93
C LEU B 34 21.34 1.79 19.83
N SER B 35 22.23 2.79 20.07
CA SER B 35 23.65 2.49 19.96
C SER B 35 24.08 1.51 21.07
N GLU B 36 23.49 1.62 22.27
CA GLU B 36 23.78 0.68 23.35
C GLU B 36 23.24 -0.72 23.05
N VAL B 37 22.06 -0.80 22.44
CA VAL B 37 21.53 -2.11 22.00
C VAL B 37 22.48 -2.75 21.00
N THR B 38 22.89 -1.98 19.99
CA THR B 38 23.80 -2.54 18.99
C THR B 38 25.12 -2.99 19.62
N ARG B 39 25.62 -2.26 20.61
CA ARG B 39 26.88 -2.64 21.25
C ARG B 39 26.72 -3.89 22.11
N LYS B 40 25.56 -4.08 22.73
CA LYS B 40 25.33 -5.31 23.48
C LYS B 40 25.22 -6.51 22.54
N LEU B 41 24.55 -6.33 21.41
CA LEU B 41 24.54 -7.37 20.39
C LEU B 41 25.97 -7.73 19.98
N GLU B 42 26.83 -6.74 19.79
CA GLU B 42 28.24 -7.04 19.51
C GLU B 42 28.87 -7.84 20.63
N ARG B 43 28.65 -7.40 21.88
CA ARG B 43 29.33 -8.02 23.02
C ARG B 43 28.83 -9.45 23.25
N GLU B 44 27.53 -9.70 23.10
CA GLU B 44 26.99 -11.01 23.49
C GLU B 44 27.08 -12.02 22.36
N VAL B 45 26.96 -11.59 21.11
CA VAL B 45 26.68 -12.54 20.05
C VAL B 45 27.63 -12.33 18.89
N GLY B 46 28.43 -11.26 18.95
CA GLY B 46 29.35 -10.95 17.89
C GLY B 46 28.68 -10.36 16.66
N TYR B 47 27.53 -9.72 16.84
CA TYR B 47 26.80 -9.09 15.75
C TYR B 47 27.65 -8.02 15.06
N VAL B 48 27.55 -7.95 13.74
CA VAL B 48 28.30 -6.97 12.94
C VAL B 48 27.40 -5.78 12.66
N ALA B 49 27.84 -4.59 13.04
CA ALA B 49 26.99 -3.38 12.99
C ALA B 49 27.38 -2.54 11.79
N ASP B 50 26.78 -2.84 10.64
CA ASP B 50 27.21 -2.21 9.40
C ASP B 50 26.65 -0.80 9.28
N THR B 51 27.46 0.09 8.71
CA THR B 51 27.06 1.46 8.38
C THR B 51 27.18 1.62 6.87
N LYS B 52 26.09 2.03 6.23
CA LYS B 52 26.02 2.10 4.79
C LYS B 52 26.28 3.52 4.29
N PHE B 53 26.87 3.61 3.10
CA PHE B 53 27.16 4.91 2.48
C PHE B 53 26.88 4.84 0.99
N VAL B 54 26.64 6.00 0.38
CA VAL B 54 26.54 6.13 -1.07
C VAL B 54 27.54 7.18 -1.56
N LEU B 55 28.17 6.88 -2.69
CA LEU B 55 29.02 7.85 -3.37
C LEU B 55 28.33 8.32 -4.65
N HIS B 56 28.27 9.65 -4.82
CA HIS B 56 27.84 10.31 -6.04
C HIS B 56 28.97 11.21 -6.50
N ASN B 57 29.58 10.91 -7.64
CA ASN B 57 30.72 11.67 -8.13
C ASN B 57 30.33 12.40 -9.41
N VAL B 58 29.87 13.63 -9.25
CA VAL B 58 29.77 14.52 -10.39
C VAL B 58 31.17 15.06 -10.66
N ASP B 59 31.32 15.87 -11.70
CA ASP B 59 32.64 16.38 -12.05
C ASP B 59 33.20 17.27 -10.95
N GLU B 60 32.34 18.07 -10.32
CA GLU B 60 32.81 19.00 -9.29
C GLU B 60 32.92 18.33 -7.93
N GLY B 61 32.01 17.41 -7.61
CA GLY B 61 32.05 16.78 -6.31
C GLY B 61 31.95 15.27 -6.34
N GLU B 62 32.86 14.61 -5.62
CA GLU B 62 32.78 13.18 -5.36
C GLU B 62 32.36 12.95 -3.92
N LYS B 63 31.18 13.44 -3.55
CA LYS B 63 30.76 13.42 -2.15
C LYS B 63 30.25 12.04 -1.75
N VAL B 64 30.57 11.67 -0.53
CA VAL B 64 30.05 10.47 0.10
C VAL B 64 28.98 10.92 1.07
N GLN B 65 27.86 10.20 1.08
CA GLN B 65 26.76 10.45 2.00
C GLN B 65 26.54 9.19 2.83
N MET B 66 26.44 9.34 4.14
CA MET B 66 26.08 8.19 4.94
C MET B 66 24.57 7.94 4.83
N LEU B 67 24.21 6.68 4.57
CA LEU B 67 22.83 6.24 4.59
C LEU B 67 22.41 5.96 6.02
N HIS B 68 21.20 6.37 6.35
CA HIS B 68 20.76 6.29 7.73
C HIS B 68 20.07 4.96 7.96
N GLY B 69 20.25 4.42 9.17
CA GLY B 69 19.68 3.14 9.51
C GLY B 69 18.17 3.15 9.37
N HIS B 70 17.61 1.96 9.23
CA HIS B 70 16.19 1.88 8.93
C HIS B 70 15.36 2.14 10.18
N SER B 71 14.16 2.69 9.94
CA SER B 71 13.34 3.26 11.01
C SER B 71 12.91 2.25 12.07
N GLU B 72 12.80 0.95 11.75
CA GLU B 72 12.27 0.03 12.76
C GLU B 72 13.26 -0.18 13.94
N ARG B 73 14.55 0.01 13.73
CA ARG B 73 15.47 -0.14 14.84
C ARG B 73 15.31 0.99 15.83
N ILE B 74 15.10 2.22 15.34
CA ILE B 74 14.78 3.34 16.22
C ILE B 74 13.50 3.05 17.02
N ALA B 75 12.49 2.51 16.33
CA ALA B 75 11.22 2.21 17.00
C ALA B 75 11.41 1.16 18.08
N ILE B 76 12.26 0.16 17.83
CA ILE B 76 12.52 -0.87 18.84
C ILE B 76 13.25 -0.27 20.03
N ALA B 77 14.25 0.60 19.76
CA ALA B 77 14.97 1.29 20.82
C ALA B 77 14.01 2.08 21.69
N TYR B 78 13.08 2.77 21.05
CA TYR B 78 12.07 3.52 21.78
C TYR B 78 11.21 2.60 22.63
N GLY B 79 10.78 1.48 22.05
CA GLY B 79 10.02 0.49 22.78
C GLY B 79 10.74 -0.01 24.01
N LEU B 80 12.04 -0.29 23.88
CA LEU B 80 12.79 -0.75 25.04
C LEU B 80 12.83 0.29 26.16
N LEU B 81 12.85 1.57 25.81
CA LEU B 81 12.87 2.57 26.88
C LEU B 81 11.53 2.77 27.54
N ARG B 82 10.42 2.60 26.82
CA ARG B 82 9.11 3.10 27.26
C ARG B 82 8.07 2.04 27.60
N THR B 83 8.40 0.77 27.49
CA THR B 83 7.46 -0.28 27.83
C THR B 83 8.09 -1.16 28.91
N PRO B 84 7.29 -1.89 29.67
CA PRO B 84 7.84 -2.63 30.80
C PRO B 84 8.55 -3.89 30.33
N ASP B 85 9.35 -4.42 31.23
CA ASP B 85 10.08 -5.64 30.97
C ASP B 85 9.14 -6.73 30.49
N ARG B 86 9.64 -7.44 29.49
CA ARG B 86 9.08 -8.56 28.74
C ARG B 86 7.92 -8.17 27.87
N ALA B 87 7.47 -6.92 27.91
CA ALA B 87 6.31 -6.51 27.11
C ALA B 87 6.59 -6.68 25.61
N CYS B 88 5.63 -7.23 24.87
CA CYS B 88 5.82 -7.38 23.45
CA CYS B 88 5.89 -7.37 23.46
C CYS B 88 5.79 -6.02 22.75
N LEU B 89 6.70 -5.81 21.81
CA LEU B 89 6.78 -4.59 21.03
C LEU B 89 5.99 -4.80 19.74
N ARG B 90 5.11 -3.88 19.40
CA ARG B 90 4.32 -3.96 18.16
C ARG B 90 4.70 -2.87 17.17
N ILE B 91 5.30 -3.27 16.06
CA ILE B 91 5.90 -2.36 15.11
C ILE B 91 5.16 -2.56 13.79
N THR B 92 4.85 -1.48 13.10
CA THR B 92 4.23 -1.52 11.77
C THR B 92 5.23 -0.82 10.84
N LYS B 93 5.45 -1.37 9.64
CA LYS B 93 6.31 -0.79 8.62
C LYS B 93 5.57 -0.71 7.28
N ASN B 94 5.78 0.35 6.47
CA ASN B 94 5.13 0.27 5.16
C ASN B 94 6.03 -0.33 4.06
N LEU B 95 7.29 -0.69 4.35
CA LEU B 95 8.08 -1.49 3.42
C LEU B 95 8.30 -2.91 3.96
N ARG B 96 8.70 -3.81 3.08
CA ARG B 96 9.20 -5.13 3.48
C ARG B 96 10.43 -4.95 4.37
N VAL B 97 10.46 -5.66 5.51
CA VAL B 97 11.64 -5.59 6.38
C VAL B 97 12.83 -6.21 5.66
N CYS B 98 14.00 -5.55 5.74
CA CYS B 98 15.15 -6.08 5.01
C CYS B 98 15.81 -7.22 5.82
N ARG B 99 16.65 -7.99 5.14
CA ARG B 99 17.30 -9.12 5.80
C ARG B 99 18.07 -8.70 7.06
N ASP B 100 18.84 -7.61 6.99
CA ASP B 100 19.63 -7.18 8.15
C ASP B 100 18.76 -6.77 9.31
N CYS B 101 17.66 -6.05 9.07
CA CYS B 101 16.79 -5.66 10.17
C CYS B 101 16.01 -6.86 10.69
N HIS B 102 15.68 -7.82 9.83
CA HIS B 102 15.01 -9.00 10.33
C HIS B 102 15.91 -9.76 11.29
N THR B 103 17.20 -9.89 10.95
CA THR B 103 18.15 -10.50 11.87
C THR B 103 18.29 -9.67 13.14
N PHE B 104 18.39 -8.33 13.01
CA PHE B 104 18.40 -7.45 14.20
C PHE B 104 17.18 -7.71 15.11
N CYS B 105 15.98 -7.83 14.53
CA CYS B 105 14.82 -8.14 15.37
C CYS B 105 14.91 -9.50 16.02
N LYS B 106 15.40 -10.51 15.29
CA LYS B 106 15.55 -11.84 15.88
C LYS B 106 16.48 -11.79 17.11
N LEU B 107 17.64 -11.12 16.96
CA LEU B 107 18.63 -11.05 18.04
C LEU B 107 18.12 -10.23 19.22
N VAL B 108 17.38 -9.15 18.96
CA VAL B 108 16.80 -8.36 20.03
C VAL B 108 15.76 -9.19 20.78
N SER B 109 14.92 -9.94 20.06
CA SER B 109 13.92 -10.75 20.76
C SER B 109 14.57 -11.74 21.74
N LYS B 110 15.73 -12.31 21.38
CA LYS B 110 16.43 -13.23 22.25
C LYS B 110 17.12 -12.50 23.38
N LEU B 111 17.99 -11.53 23.05
CA LEU B 111 18.93 -10.97 23.99
C LEU B 111 18.29 -9.96 24.93
N PHE B 112 17.20 -9.30 24.52
CA PHE B 112 16.46 -8.40 25.38
C PHE B 112 15.15 -9.00 25.88
N ARG B 113 14.89 -10.27 25.58
CA ARG B 113 13.73 -11.00 26.10
C ARG B 113 12.40 -10.28 25.83
N ARG B 114 12.24 -9.75 24.61
CA ARG B 114 10.99 -9.14 24.17
C ARG B 114 10.50 -9.91 22.95
N ASP B 115 9.25 -10.34 22.94
CA ASP B 115 8.67 -10.71 21.67
C ASP B 115 8.42 -9.43 20.87
N ILE B 116 8.55 -9.50 19.55
CA ILE B 116 8.22 -8.38 18.67
C ILE B 116 7.22 -8.87 17.67
N VAL B 117 6.09 -8.17 17.56
CA VAL B 117 5.15 -8.37 16.46
C VAL B 117 5.36 -7.24 15.47
N MET B 118 5.89 -7.56 14.27
CA MET B 118 6.08 -6.62 13.19
C MET B 118 5.17 -6.93 12.03
N ARG B 119 4.38 -5.94 11.61
CA ARG B 119 3.58 -6.08 10.42
C ARG B 119 4.27 -5.20 9.39
N ASP B 120 4.95 -5.80 8.41
CA ASP B 120 5.65 -5.02 7.39
C ASP B 120 4.72 -4.91 6.18
N ALA B 121 5.25 -4.58 5.00
CA ALA B 121 4.35 -4.35 3.89
C ALA B 121 3.54 -5.58 3.53
N ASN B 122 4.06 -6.79 3.81
CA ASN B 122 3.48 -8.00 3.24
C ASN B 122 3.06 -9.07 4.25
N ARG B 123 3.54 -9.04 5.49
CA ARG B 123 3.11 -10.11 6.38
C ARG B 123 3.38 -9.75 7.83
N PHE B 124 2.84 -10.57 8.73
CA PHE B 124 3.16 -10.48 10.15
C PHE B 124 4.39 -11.31 10.48
N HIS B 125 5.36 -10.69 11.08
CA HIS B 125 6.58 -11.33 11.60
C HIS B 125 6.47 -11.34 13.11
N HIS B 126 6.38 -12.52 13.68
CA HIS B 126 6.30 -12.66 15.12
C HIS B 126 7.62 -13.22 15.62
N PHE B 127 8.41 -12.35 16.26
CA PHE B 127 9.76 -12.70 16.69
C PHE B 127 9.68 -13.15 18.14
N GLU B 128 10.12 -14.38 18.40
CA GLU B 128 10.07 -14.96 19.73
C GLU B 128 11.38 -15.69 19.98
N SER B 129 12.14 -15.22 20.98
CA SER B 129 13.33 -15.90 21.45
C SER B 129 14.30 -16.20 20.31
N GLY B 130 14.44 -15.24 19.38
CA GLY B 130 15.46 -15.35 18.35
C GLY B 130 15.03 -15.95 17.01
N LEU B 131 13.77 -16.36 16.90
CA LEU B 131 13.25 -17.00 15.70
C LEU B 131 12.02 -16.23 15.29
N CYS B 132 11.70 -16.26 14.00
CA CYS B 132 10.49 -15.63 13.51
C CYS B 132 9.49 -16.65 12.97
N SER B 133 8.19 -16.36 13.20
CA SER B 133 7.07 -17.11 12.58
C SER B 133 7.12 -17.22 11.04
N CYS B 134 7.75 -16.29 10.34
CA CYS B 134 7.84 -16.48 8.89
C CYS B 134 8.83 -17.57 8.51
N GLY B 135 9.65 -18.08 9.45
CA GLY B 135 10.65 -19.08 9.07
C GLY B 135 11.76 -18.57 8.18
N ASP B 136 11.96 -17.25 8.17
CA ASP B 136 12.96 -16.53 7.42
C ASP B 136 12.68 -16.56 5.93
N SER B 137 11.41 -16.72 5.55
CA SER B 137 11.00 -16.66 4.14
C SER B 137 9.92 -15.58 4.09
N TRP B 138 10.22 -14.45 3.46
CA TRP B 138 9.22 -13.38 3.38
C TRP B 138 9.42 -12.45 2.22
N GLY C 4 17.00 -11.77 -4.25
CA GLY C 4 17.13 -10.61 -5.13
C GLY C 4 17.49 -10.99 -6.56
N CYS C 5 16.49 -11.39 -7.35
CA CYS C 5 16.71 -11.85 -8.71
C CYS C 5 15.98 -10.93 -9.66
N SER C 6 16.55 -10.73 -10.85
CA SER C 6 15.84 -10.10 -11.95
C SER C 6 15.88 -11.04 -13.13
N TRP C 7 14.81 -11.05 -13.90
CA TRP C 7 14.80 -11.81 -15.15
C TRP C 7 14.51 -10.86 -16.29
N ILE C 8 15.13 -11.09 -17.44
CA ILE C 8 14.75 -10.38 -18.66
C ILE C 8 14.16 -11.40 -19.63
N GLU C 9 13.09 -11.00 -20.30
CA GLU C 9 12.33 -11.85 -21.22
C GLU C 9 12.30 -11.19 -22.58
N MET C 10 12.82 -11.86 -23.59
CA MET C 10 12.92 -11.35 -24.96
C MET C 10 12.24 -12.33 -25.90
N ASP C 11 11.02 -12.01 -26.31
CA ASP C 11 10.24 -12.86 -27.19
C ASP C 11 10.20 -14.30 -26.65
N GLY C 12 9.96 -14.40 -25.36
CA GLY C 12 9.69 -15.66 -24.69
C GLY C 12 10.92 -16.37 -24.17
N LYS C 13 12.11 -15.87 -24.53
CA LYS C 13 13.38 -16.38 -24.00
C LYS C 13 13.80 -15.58 -22.77
N VAL C 14 14.34 -16.29 -21.75
CA VAL C 14 14.51 -15.70 -20.42
C VAL C 14 15.92 -15.93 -19.87
N HIS C 15 16.52 -14.87 -19.29
CA HIS C 15 17.83 -14.96 -18.62
C HIS C 15 17.67 -14.37 -17.23
N LYS C 16 18.21 -15.03 -16.22
CA LYS C 16 18.15 -14.56 -14.83
C LYS C 16 19.46 -13.86 -14.47
N PHE C 17 19.35 -12.84 -13.61
CA PHE C 17 20.52 -12.13 -13.13
C PHE C 17 20.41 -11.98 -11.63
N THR C 18 21.54 -12.16 -10.94
CA THR C 18 21.60 -11.90 -9.52
C THR C 18 22.58 -10.76 -9.27
N ALA C 19 22.65 -10.27 -8.04
CA ALA C 19 23.69 -9.33 -7.68
C ALA C 19 25.06 -9.98 -7.86
N ARG C 20 26.02 -9.19 -8.36
CA ARG C 20 27.27 -9.73 -8.89
C ARG C 20 28.00 -10.60 -7.87
N ASP C 21 28.17 -11.88 -8.22
CA ASP C 21 28.82 -12.86 -7.35
C ASP C 21 30.11 -13.31 -8.03
N LYS C 22 31.25 -12.99 -7.41
CA LYS C 22 32.54 -13.34 -8.00
C LYS C 22 32.74 -14.85 -8.10
N SER C 23 31.95 -15.66 -7.39
CA SER C 23 32.04 -17.09 -7.57
C SER C 23 31.28 -17.60 -8.78
N HIS C 24 30.34 -16.80 -9.31
CA HIS C 24 29.63 -17.10 -10.56
C HIS C 24 29.39 -15.80 -11.34
N PRO C 25 30.42 -15.24 -11.95
CA PRO C 25 30.24 -13.96 -12.63
C PRO C 25 29.57 -14.16 -13.98
N GLU C 26 28.84 -13.15 -14.42
CA GLU C 26 28.38 -13.11 -15.80
C GLU C 26 29.52 -12.66 -16.70
N SER C 27 29.30 -12.69 -18.01
CA SER C 27 30.39 -12.38 -18.93
C SER C 27 30.80 -10.91 -18.82
N LYS C 28 32.06 -10.65 -19.11
CA LYS C 28 32.60 -9.32 -18.85
C LYS C 28 31.88 -8.24 -19.64
N GLU C 29 31.36 -8.57 -20.83
CA GLU C 29 30.82 -7.52 -21.69
C GLU C 29 29.58 -6.88 -21.08
N ILE C 30 28.84 -7.64 -20.27
CA ILE C 30 27.63 -7.09 -19.66
C ILE C 30 27.99 -6.06 -18.59
N TYR C 31 29.01 -6.34 -17.78
CA TYR C 31 29.49 -5.37 -16.81
C TYR C 31 30.14 -4.16 -17.50
N GLU C 32 30.86 -4.38 -18.59
CA GLU C 32 31.40 -3.26 -19.35
C GLU C 32 30.28 -2.39 -19.93
N LYS C 33 29.17 -3.00 -20.33
CA LYS C 33 28.07 -2.24 -20.87
C LYS C 33 27.30 -1.48 -19.78
N LEU C 34 27.01 -2.12 -18.63
CA LEU C 34 26.51 -1.36 -17.50
C LEU C 34 27.36 -0.13 -17.19
N SER C 35 28.68 -0.27 -17.22
CA SER C 35 29.50 0.86 -16.78
C SER C 35 29.43 1.98 -17.81
N GLU C 36 29.48 1.62 -19.10
CA GLU C 36 29.36 2.60 -20.16
C GLU C 36 27.97 3.26 -20.16
N VAL C 37 26.91 2.48 -19.86
CA VAL C 37 25.59 3.08 -19.79
C VAL C 37 25.54 4.13 -18.70
N THR C 38 26.08 3.79 -17.53
CA THR C 38 26.15 4.76 -16.44
C THR C 38 26.97 5.99 -16.82
N ARG C 39 28.13 5.79 -17.46
CA ARG C 39 28.89 6.96 -17.91
C ARG C 39 28.07 7.81 -18.87
N LYS C 40 27.36 7.17 -19.83
CA LYS C 40 26.63 7.97 -20.79
C LYS C 40 25.51 8.77 -20.12
N LEU C 41 24.87 8.17 -19.11
CA LEU C 41 23.84 8.88 -18.36
C LEU C 41 24.40 10.11 -17.67
N GLU C 42 25.60 9.98 -17.06
CA GLU C 42 26.20 11.15 -16.42
C GLU C 42 26.54 12.22 -17.44
N ARG C 43 27.04 11.81 -18.60
CA ARG C 43 27.51 12.73 -19.63
C ARG C 43 26.37 13.42 -20.34
N GLU C 44 25.23 12.74 -20.52
CA GLU C 44 24.19 13.24 -21.40
C GLU C 44 23.01 13.82 -20.66
N VAL C 45 22.63 13.25 -19.53
CA VAL C 45 21.42 13.67 -18.85
C VAL C 45 21.73 13.98 -17.38
N GLY C 46 22.94 14.46 -17.11
CA GLY C 46 23.31 14.92 -15.78
C GLY C 46 22.95 13.95 -14.67
N TYR C 47 23.15 12.65 -14.92
CA TYR C 47 22.80 11.61 -13.94
C TYR C 47 23.78 11.60 -12.78
N VAL C 48 23.25 11.36 -11.59
CA VAL C 48 24.03 11.26 -10.36
C VAL C 48 24.20 9.77 -10.08
N ALA C 49 25.27 9.19 -10.60
CA ALA C 49 25.47 7.74 -10.45
C ALA C 49 25.74 7.38 -8.99
N ASP C 50 24.98 6.41 -8.48
CA ASP C 50 25.04 5.96 -7.11
C ASP C 50 25.89 4.69 -7.01
N THR C 51 26.80 4.67 -6.04
CA THR C 51 27.41 3.40 -5.63
C THR C 51 27.42 3.33 -4.11
N LYS C 52 27.11 2.15 -3.59
CA LYS C 52 26.93 1.97 -2.17
C LYS C 52 28.06 1.09 -1.62
N PHE C 53 28.37 1.28 -0.35
CA PHE C 53 29.34 0.43 0.34
C PHE C 53 29.02 0.41 1.83
N VAL C 54 29.56 -0.59 2.52
CA VAL C 54 29.32 -0.78 3.93
C VAL C 54 30.66 -0.75 4.67
N LEU C 55 30.61 -0.30 5.91
CA LEU C 55 31.72 -0.36 6.84
C LEU C 55 31.35 -1.34 7.95
N HIS C 56 32.04 -2.48 8.01
CA HIS C 56 31.84 -3.48 9.07
C HIS C 56 32.71 -3.17 10.28
N ASN C 57 32.09 -3.03 11.45
CA ASN C 57 32.81 -2.75 12.69
C ASN C 57 33.07 -4.07 13.40
N VAL C 58 34.30 -4.57 13.28
CA VAL C 58 34.67 -5.84 13.87
C VAL C 58 35.96 -5.65 14.67
N ASP C 59 36.04 -6.38 15.79
CA ASP C 59 37.16 -6.23 16.72
C ASP C 59 38.47 -6.70 16.09
N GLU C 60 38.43 -7.76 15.29
CA GLU C 60 39.63 -8.28 14.67
C GLU C 60 40.22 -7.28 13.68
N GLY C 61 39.36 -6.61 12.93
CA GLY C 61 39.82 -5.59 12.01
C GLY C 61 38.62 -4.85 11.44
N GLU C 62 38.89 -3.64 10.99
CA GLU C 62 37.86 -2.79 10.38
C GLU C 62 37.97 -2.90 8.87
N LYS C 63 36.86 -3.27 8.21
CA LYS C 63 36.86 -3.53 6.78
C LYS C 63 35.72 -2.79 6.09
N VAL C 64 36.01 -2.29 4.89
CA VAL C 64 34.99 -1.72 4.01
C VAL C 64 34.66 -2.75 2.95
N GLN C 65 33.41 -2.78 2.54
CA GLN C 65 32.95 -3.72 1.53
C GLN C 65 32.03 -2.99 0.57
N MET C 66 32.31 -3.13 -0.73
CA MET C 66 31.48 -2.50 -1.74
C MET C 66 30.23 -3.33 -1.91
N LEU C 67 29.07 -2.69 -1.84
CA LEU C 67 27.81 -3.38 -2.13
C LEU C 67 27.64 -3.52 -3.63
N HIS C 68 27.17 -4.68 -4.05
CA HIS C 68 26.95 -4.92 -5.47
C HIS C 68 25.69 -4.18 -5.92
N GLY C 69 25.76 -3.59 -7.11
CA GLY C 69 24.59 -2.96 -7.70
C GLY C 69 23.44 -3.95 -7.82
N HIS C 70 22.24 -3.42 -7.96
CA HIS C 70 21.06 -4.29 -7.99
C HIS C 70 20.86 -4.96 -9.36
N SER C 71 20.29 -6.18 -9.32
CA SER C 71 20.26 -7.05 -10.49
C SER C 71 19.53 -6.47 -11.70
N GLU C 72 18.55 -5.57 -11.53
CA GLU C 72 17.82 -5.11 -12.72
C GLU C 72 18.72 -4.24 -13.60
N ARG C 73 19.75 -3.63 -13.02
CA ARG C 73 20.63 -2.83 -13.89
C ARG C 73 21.46 -3.73 -14.80
N ILE C 74 21.91 -4.89 -14.28
CA ILE C 74 22.63 -5.86 -15.11
C ILE C 74 21.72 -6.39 -16.21
N ALA C 75 20.47 -6.70 -15.86
CA ALA C 75 19.50 -7.22 -16.82
C ALA C 75 19.25 -6.20 -17.93
N ILE C 76 19.22 -4.91 -17.56
CA ILE C 76 19.00 -3.85 -18.55
C ILE C 76 20.20 -3.75 -19.49
N ALA C 77 21.42 -3.77 -18.94
CA ALA C 77 22.61 -3.73 -19.80
C ALA C 77 22.63 -4.91 -20.77
N TYR C 78 22.24 -6.08 -20.27
CA TYR C 78 22.17 -7.27 -21.12
C TYR C 78 21.16 -7.04 -22.24
N GLY C 79 20.01 -6.49 -21.88
CA GLY C 79 19.00 -6.18 -22.87
C GLY C 79 19.46 -5.21 -23.93
N LEU C 80 20.21 -4.17 -23.52
CA LEU C 80 20.74 -3.24 -24.50
C LEU C 80 21.70 -3.93 -25.49
N LEU C 81 22.50 -4.87 -25.01
CA LEU C 81 23.42 -5.57 -25.91
C LEU C 81 22.68 -6.52 -26.85
N ARG C 82 21.56 -7.08 -26.42
CA ARG C 82 21.01 -8.26 -27.10
C ARG C 82 19.70 -8.04 -27.84
N THR C 83 19.05 -6.91 -27.70
CA THR C 83 17.78 -6.69 -28.37
C THR C 83 17.93 -5.54 -29.37
N PRO C 84 17.06 -5.43 -30.36
CA PRO C 84 17.24 -4.40 -31.39
C PRO C 84 16.89 -3.02 -30.87
N ASP C 85 17.30 -2.01 -31.66
CA ASP C 85 17.07 -0.63 -31.28
C ASP C 85 15.58 -0.39 -31.04
N ARG C 86 15.31 0.39 -29.99
CA ARG C 86 13.99 0.83 -29.52
C ARG C 86 13.14 -0.32 -28.99
N ALA C 87 13.61 -1.55 -29.04
CA ALA C 87 12.81 -2.65 -28.53
C ALA C 87 12.55 -2.49 -27.03
N CYS C 88 11.31 -2.75 -26.61
CA CYS C 88 10.96 -2.68 -25.19
CA CYS C 88 11.05 -2.61 -25.18
C CYS C 88 11.67 -3.76 -24.38
N LEU C 89 12.19 -3.40 -23.20
CA LEU C 89 12.85 -4.37 -22.34
C LEU C 89 11.87 -4.80 -21.27
N ARG C 90 11.71 -6.11 -21.09
CA ARG C 90 10.74 -6.65 -20.12
C ARG C 90 11.52 -7.29 -18.99
N ILE C 91 11.45 -6.69 -17.80
CA ILE C 91 12.20 -7.11 -16.64
CA ILE C 91 12.20 -7.15 -16.65
C ILE C 91 11.22 -7.57 -15.56
N THR C 92 11.47 -8.72 -14.94
CA THR C 92 10.71 -9.16 -13.76
C THR C 92 11.67 -9.18 -12.56
N LYS C 93 11.19 -8.67 -11.41
CA LYS C 93 11.96 -8.69 -10.18
C LYS C 93 11.14 -9.30 -9.05
N ASN C 94 11.81 -10.01 -8.14
CA ASN C 94 11.09 -10.57 -7.00
C ASN C 94 10.99 -9.63 -5.80
N LEU C 95 11.74 -8.53 -5.77
CA LEU C 95 11.62 -7.51 -4.72
C LEU C 95 11.02 -6.23 -5.31
N ARG C 96 10.61 -5.32 -4.42
CA ARG C 96 10.22 -3.98 -4.86
C ARG C 96 11.42 -3.21 -5.39
N VAL C 97 11.23 -2.52 -6.52
CA VAL C 97 12.33 -1.73 -7.09
C VAL C 97 12.67 -0.58 -6.14
N CYS C 98 13.97 -0.36 -5.89
CA CYS C 98 14.30 0.76 -5.00
C CYS C 98 14.24 2.12 -5.72
N ARG C 99 14.33 3.19 -4.92
CA ARG C 99 14.24 4.54 -5.50
C ARG C 99 15.33 4.78 -6.54
N ASP C 100 16.58 4.45 -6.19
CA ASP C 100 17.70 4.71 -7.08
C ASP C 100 17.62 3.91 -8.38
N CYS C 101 17.16 2.62 -8.31
CA CYS C 101 17.02 1.87 -9.54
C CYS C 101 15.82 2.35 -10.34
N HIS C 102 14.77 2.84 -9.67
CA HIS C 102 13.64 3.39 -10.40
C HIS C 102 14.07 4.61 -11.20
N THR C 103 14.94 5.43 -10.63
CA THR C 103 15.44 6.61 -11.31
C THR C 103 16.35 6.19 -12.48
N PHE C 104 17.22 5.20 -12.26
CA PHE C 104 18.05 4.65 -13.33
C PHE C 104 17.19 4.16 -14.49
N CYS C 105 16.12 3.44 -14.19
CA CYS C 105 15.22 2.98 -15.24
C CYS C 105 14.57 4.15 -16.00
N LYS C 106 14.10 5.18 -15.28
CA LYS C 106 13.52 6.35 -15.96
C LYS C 106 14.51 6.98 -16.93
N LEU C 107 15.75 7.19 -16.47
CA LEU C 107 16.74 7.86 -17.29
C LEU C 107 17.22 7.00 -18.43
N VAL C 108 17.26 5.67 -18.27
CA VAL C 108 17.60 4.79 -19.38
C VAL C 108 16.50 4.85 -20.45
N SER C 109 15.23 4.82 -20.02
CA SER C 109 14.13 4.85 -20.99
C SER C 109 14.20 6.11 -21.85
N LYS C 110 14.69 7.22 -21.28
CA LYS C 110 14.78 8.47 -22.03
C LYS C 110 16.00 8.47 -22.94
N LEU C 111 17.19 8.28 -22.35
CA LEU C 111 18.44 8.46 -23.08
C LEU C 111 18.61 7.41 -24.16
N PHE C 112 18.28 6.15 -23.87
CA PHE C 112 18.44 5.08 -24.85
C PHE C 112 17.16 4.83 -25.67
N ARG C 113 16.08 5.57 -25.43
CA ARG C 113 14.87 5.48 -26.24
C ARG C 113 14.31 4.05 -26.26
N ARG C 114 14.36 3.38 -25.12
CA ARG C 114 13.76 2.08 -24.91
C ARG C 114 12.68 2.20 -23.83
N ASP C 115 11.46 1.77 -24.12
CA ASP C 115 10.54 1.56 -23.00
C ASP C 115 10.99 0.37 -22.18
N ILE C 116 10.73 0.44 -20.87
CA ILE C 116 10.96 -0.71 -20.00
C ILE C 116 9.65 -1.06 -19.32
N VAL C 117 9.25 -2.32 -19.43
CA VAL C 117 8.14 -2.85 -18.65
C VAL C 117 8.77 -3.67 -17.53
N MET C 118 8.69 -3.18 -16.30
CA MET C 118 9.21 -3.89 -15.14
C MET C 118 8.06 -4.34 -14.27
N ARG C 119 7.95 -5.66 -14.06
CA ARG C 119 7.03 -6.15 -13.04
C ARG C 119 7.87 -6.43 -11.81
N ASP C 120 7.70 -5.63 -10.73
CA ASP C 120 8.47 -5.91 -9.52
C ASP C 120 7.58 -6.68 -8.53
N ALA C 121 7.95 -6.70 -7.24
CA ALA C 121 7.20 -7.48 -6.27
C ALA C 121 5.70 -7.11 -6.26
N ASN C 122 5.35 -5.84 -6.54
CA ASN C 122 4.00 -5.36 -6.28
C ASN C 122 3.28 -4.71 -7.46
N ARG C 123 3.97 -4.34 -8.53
CA ARG C 123 3.31 -3.45 -9.46
C ARG C 123 4.01 -3.55 -10.81
N PHE C 124 3.26 -3.23 -11.89
CA PHE C 124 3.87 -3.00 -13.19
C PHE C 124 4.36 -1.55 -13.29
N HIS C 125 5.63 -1.39 -13.56
CA HIS C 125 6.25 -0.09 -13.85
C HIS C 125 6.51 0.01 -15.34
N HIS C 126 5.79 0.89 -16.05
CA HIS C 126 6.03 1.08 -17.48
C HIS C 126 6.78 2.39 -17.66
N PHE C 127 8.08 2.30 -17.95
CA PHE C 127 8.95 3.45 -18.09
C PHE C 127 8.95 3.87 -19.56
N GLU C 128 8.55 5.11 -19.84
CA GLU C 128 8.49 5.60 -21.21
C GLU C 128 9.05 7.00 -21.23
N SER C 129 10.12 7.22 -21.99
CA SER C 129 10.59 8.57 -22.28
C SER C 129 10.86 9.33 -20.99
N GLY C 130 11.30 8.61 -19.96
CA GLY C 130 11.77 9.27 -18.75
C GLY C 130 10.79 9.33 -17.58
N LEU C 131 9.57 8.82 -17.76
CA LEU C 131 8.54 8.85 -16.74
C LEU C 131 7.99 7.44 -16.58
N CYS C 132 7.41 7.17 -15.42
CA CYS C 132 6.86 5.85 -15.14
C CYS C 132 5.35 5.93 -14.94
N SER C 133 4.65 4.87 -15.43
CA SER C 133 3.22 4.71 -15.21
C SER C 133 2.81 4.77 -13.73
N CYS C 134 3.70 4.42 -12.81
CA CYS C 134 3.31 4.52 -11.40
C CYS C 134 3.28 5.96 -10.89
N GLY C 135 3.71 6.94 -11.68
CA GLY C 135 3.79 8.34 -11.26
C GLY C 135 4.69 8.54 -10.04
N ASP C 136 5.68 7.65 -9.87
CA ASP C 136 6.67 7.70 -8.79
C ASP C 136 6.08 7.44 -7.41
N SER C 137 4.97 6.74 -7.37
CA SER C 137 4.36 6.32 -6.11
C SER C 137 4.22 4.80 -6.18
N TRP C 138 5.00 4.07 -5.36
CA TRP C 138 4.98 2.60 -5.42
C TRP C 138 5.50 1.99 -4.12
N MET D 3 -14.36 12.17 2.73
CA MET D 3 -15.32 13.04 2.04
C MET D 3 -15.57 12.59 0.61
N GLY D 4 -16.84 12.58 0.21
CA GLY D 4 -17.16 12.07 -1.11
C GLY D 4 -17.10 13.08 -2.25
N CYS D 5 -16.17 14.04 -2.19
CA CYS D 5 -16.12 15.09 -3.20
C CYS D 5 -15.17 14.71 -4.34
N SER D 6 -15.56 15.11 -5.56
CA SER D 6 -14.70 15.08 -6.74
C SER D 6 -14.70 16.47 -7.36
N TRP D 7 -13.63 16.76 -8.07
CA TRP D 7 -13.57 18.01 -8.82
C TRP D 7 -13.18 17.67 -10.25
N ILE D 8 -13.68 18.46 -11.19
CA ILE D 8 -13.18 18.40 -12.56
C ILE D 8 -12.49 19.71 -12.89
N GLU D 9 -11.38 19.63 -13.61
CA GLU D 9 -10.57 20.79 -13.94
C GLU D 9 -10.47 20.84 -15.45
N MET D 10 -10.97 21.92 -16.04
CA MET D 10 -11.10 22.04 -17.49
C MET D 10 -10.35 23.29 -17.93
N ASP D 11 -9.12 23.09 -18.44
CA ASP D 11 -8.30 24.19 -18.89
C ASP D 11 -8.25 25.27 -17.78
N GLY D 12 -8.05 24.82 -16.53
CA GLY D 12 -7.90 25.69 -15.40
C GLY D 12 -9.17 26.02 -14.64
N LYS D 13 -10.33 25.80 -15.25
CA LYS D 13 -11.62 26.05 -14.64
C LYS D 13 -12.02 24.80 -13.86
N VAL D 14 -12.65 25.02 -12.69
CA VAL D 14 -12.86 23.97 -11.69
C VAL D 14 -14.30 23.97 -11.18
N HIS D 15 -14.89 22.76 -11.12
CA HIS D 15 -16.24 22.50 -10.58
C HIS D 15 -16.18 21.36 -9.60
N LYS D 16 -16.84 21.52 -8.45
CA LYS D 16 -16.87 20.46 -7.44
C LYS D 16 -18.17 19.67 -7.52
N PHE D 17 -18.08 18.35 -7.32
CA PHE D 17 -19.31 17.55 -7.25
C PHE D 17 -19.35 16.74 -5.96
N THR D 18 -20.49 16.74 -5.30
CA THR D 18 -20.68 15.90 -4.12
C THR D 18 -21.59 14.72 -4.45
N ALA D 19 -21.69 13.78 -3.51
CA ALA D 19 -22.69 12.73 -3.63
C ALA D 19 -24.09 13.33 -3.68
N ARG D 20 -25.00 12.62 -4.36
CA ARG D 20 -26.31 13.18 -4.70
C ARG D 20 -27.03 13.73 -3.47
N ASP D 21 -27.51 14.97 -3.60
CA ASP D 21 -28.23 15.67 -2.53
C ASP D 21 -29.49 16.29 -3.14
N LYS D 22 -30.65 15.89 -2.62
CA LYS D 22 -31.90 16.46 -3.14
C LYS D 22 -32.08 17.91 -2.69
N SER D 23 -31.53 18.27 -1.53
CA SER D 23 -31.57 19.66 -1.10
C SER D 23 -30.62 20.54 -1.90
N HIS D 24 -29.57 19.97 -2.47
CA HIS D 24 -28.61 20.71 -3.31
C HIS D 24 -28.30 19.88 -4.55
N PRO D 25 -29.25 19.76 -5.47
CA PRO D 25 -29.01 18.97 -6.68
C PRO D 25 -28.52 19.81 -7.84
N GLU D 26 -27.67 19.20 -8.66
CA GLU D 26 -27.08 19.88 -9.79
C GLU D 26 -28.09 19.98 -10.94
N SER D 27 -27.64 20.54 -12.06
CA SER D 27 -28.52 20.75 -13.19
C SER D 27 -29.02 19.44 -13.77
N LYS D 28 -30.26 19.45 -14.25
CA LYS D 28 -30.90 18.24 -14.78
C LYS D 28 -30.14 17.69 -15.98
N GLU D 29 -29.55 18.57 -16.77
CA GLU D 29 -28.79 18.16 -17.95
C GLU D 29 -27.66 17.21 -17.58
N ILE D 30 -27.04 17.42 -16.42
CA ILE D 30 -25.91 16.58 -16.05
C ILE D 30 -26.37 15.16 -15.78
N TYR D 31 -27.45 15.01 -15.01
CA TYR D 31 -27.90 13.68 -14.67
C TYR D 31 -28.45 12.95 -15.89
N GLU D 32 -29.07 13.68 -16.82
CA GLU D 32 -29.50 13.07 -18.08
C GLU D 32 -28.30 12.56 -18.87
N LYS D 33 -27.22 13.34 -18.96
CA LYS D 33 -26.02 12.86 -19.66
C LYS D 33 -25.49 11.58 -19.03
N LEU D 34 -25.44 11.54 -17.69
CA LEU D 34 -24.93 10.35 -17.01
C LEU D 34 -25.79 9.13 -17.34
N SER D 35 -27.12 9.28 -17.35
CA SER D 35 -27.95 8.14 -17.71
C SER D 35 -27.73 7.72 -19.16
N GLU D 36 -27.40 8.68 -20.04
CA GLU D 36 -27.14 8.35 -21.43
C GLU D 36 -25.83 7.60 -21.59
N VAL D 37 -24.80 8.02 -20.86
CA VAL D 37 -23.52 7.32 -20.84
C VAL D 37 -23.71 5.89 -20.34
N THR D 38 -24.35 5.75 -19.19
CA THR D 38 -24.53 4.44 -18.58
C THR D 38 -25.27 3.50 -19.51
N ARG D 39 -26.29 4.00 -20.21
CA ARG D 39 -27.05 3.16 -21.13
C ARG D 39 -26.24 2.82 -22.38
N LYS D 40 -25.37 3.73 -22.85
CA LYS D 40 -24.45 3.43 -23.95
C LYS D 40 -23.44 2.35 -23.56
N LEU D 41 -22.94 2.39 -22.33
CA LEU D 41 -22.06 1.31 -21.86
C LEU D 41 -22.76 -0.04 -21.92
N GLU D 42 -23.99 -0.13 -21.41
CA GLU D 42 -24.75 -1.36 -21.54
C GLU D 42 -24.93 -1.79 -22.99
N ARG D 43 -25.19 -0.82 -23.88
CA ARG D 43 -25.44 -1.16 -25.27
C ARG D 43 -24.19 -1.68 -25.97
N GLU D 44 -23.03 -1.04 -25.72
CA GLU D 44 -21.82 -1.36 -26.48
C GLU D 44 -21.09 -2.57 -25.89
N VAL D 45 -20.85 -2.58 -24.58
CA VAL D 45 -20.09 -3.64 -23.94
C VAL D 45 -20.90 -4.48 -22.97
N GLY D 46 -22.16 -4.15 -22.71
CA GLY D 46 -22.92 -4.89 -21.73
C GLY D 46 -22.52 -4.59 -20.29
N TYR D 47 -22.20 -3.33 -20.00
CA TYR D 47 -21.74 -2.96 -18.66
C TYR D 47 -22.86 -3.13 -17.63
N VAL D 48 -22.57 -3.87 -16.57
CA VAL D 48 -23.49 -4.10 -15.46
C VAL D 48 -23.61 -2.86 -14.58
N ALA D 49 -24.56 -1.98 -14.89
CA ALA D 49 -24.78 -0.78 -14.09
C ALA D 49 -25.55 -1.14 -12.83
N ASP D 50 -24.93 -0.97 -11.67
CA ASP D 50 -25.54 -1.34 -10.40
C ASP D 50 -26.09 -0.12 -9.68
N THR D 51 -27.11 -0.35 -8.86
CA THR D 51 -27.64 0.62 -7.92
C THR D 51 -27.58 -0.01 -6.54
N LYS D 52 -27.00 0.71 -5.59
CA LYS D 52 -26.76 0.19 -4.25
C LYS D 52 -27.79 0.74 -3.27
N PHE D 53 -28.11 -0.06 -2.26
CA PHE D 53 -29.10 0.30 -1.25
C PHE D 53 -28.58 -0.10 0.12
N VAL D 54 -29.09 0.58 1.14
CA VAL D 54 -28.88 0.20 2.53
C VAL D 54 -30.24 -0.01 3.20
N LEU D 55 -30.33 -1.02 4.05
CA LEU D 55 -31.52 -1.13 4.88
C LEU D 55 -31.14 -0.91 6.33
N HIS D 56 -31.98 -0.15 7.03
CA HIS D 56 -31.92 0.08 8.47
C HIS D 56 -33.27 -0.29 9.05
N ASN D 57 -33.29 -1.23 9.99
CA ASN D 57 -34.52 -1.75 10.57
C ASN D 57 -34.89 -0.89 11.78
N VAL D 58 -36.02 -0.18 11.69
CA VAL D 58 -36.49 0.68 12.76
C VAL D 58 -37.87 0.20 13.16
N ASP D 59 -38.32 0.66 14.33
CA ASP D 59 -39.58 0.17 14.89
C ASP D 59 -40.78 0.64 14.06
N GLU D 60 -40.89 1.97 13.86
CA GLU D 60 -42.06 2.50 13.15
C GLU D 60 -42.14 1.94 11.73
N GLY D 61 -41.03 1.97 11.01
CA GLY D 61 -41.02 1.46 9.66
C GLY D 61 -39.64 1.05 9.16
N GLU D 62 -39.41 -0.27 9.06
CA GLU D 62 -38.19 -0.80 8.47
C GLU D 62 -37.92 -0.17 7.12
N LYS D 63 -36.73 0.42 6.96
CA LYS D 63 -36.55 1.42 5.93
C LYS D 63 -35.35 1.14 5.03
N VAL D 64 -35.58 1.30 3.73
CA VAL D 64 -34.55 1.13 2.70
C VAL D 64 -34.17 2.50 2.16
N GLN D 65 -32.87 2.76 2.08
CA GLN D 65 -32.37 3.99 1.51
C GLN D 65 -31.51 3.66 0.32
N MET D 66 -31.70 4.39 -0.77
CA MET D 66 -30.83 4.25 -1.91
C MET D 66 -29.52 4.98 -1.63
N LEU D 67 -28.41 4.28 -1.85
CA LEU D 67 -27.09 4.89 -1.86
C LEU D 67 -26.88 5.58 -3.19
N HIS D 68 -26.35 6.79 -3.14
CA HIS D 68 -26.22 7.58 -4.35
C HIS D 68 -24.90 7.28 -5.02
N GLY D 69 -24.92 7.29 -6.36
CA GLY D 69 -23.71 7.02 -7.11
C GLY D 69 -22.57 7.94 -6.69
N HIS D 70 -21.37 7.51 -6.98
CA HIS D 70 -20.22 8.26 -6.51
C HIS D 70 -19.96 9.49 -7.37
N SER D 71 -19.36 10.50 -6.73
CA SER D 71 -19.30 11.85 -7.29
C SER D 71 -18.49 11.91 -8.60
N GLU D 72 -17.56 10.99 -8.81
CA GLU D 72 -16.74 11.10 -10.02
C GLU D 72 -17.53 10.74 -11.28
N ARG D 73 -18.59 9.94 -11.17
CA ARG D 73 -19.33 9.68 -12.39
C ARG D 73 -20.11 10.90 -12.82
N ILE D 74 -20.63 11.66 -11.86
CA ILE D 74 -21.24 12.96 -12.18
C ILE D 74 -20.21 13.89 -12.80
N ALA D 75 -19.01 13.96 -12.24
CA ALA D 75 -17.97 14.82 -12.79
C ALA D 75 -17.65 14.46 -14.23
N ILE D 76 -17.57 13.16 -14.52
CA ILE D 76 -17.26 12.68 -15.86
C ILE D 76 -18.39 13.02 -16.83
N ALA D 77 -19.66 12.88 -16.39
CA ALA D 77 -20.76 13.27 -17.26
C ALA D 77 -20.71 14.74 -17.60
N TYR D 78 -20.46 15.59 -16.59
CA TYR D 78 -20.29 17.02 -16.78
C TYR D 78 -19.17 17.33 -17.76
N GLY D 79 -18.01 16.68 -17.61
CA GLY D 79 -16.95 16.86 -18.56
C GLY D 79 -17.34 16.49 -19.98
N LEU D 80 -18.00 15.35 -20.16
CA LEU D 80 -18.43 14.97 -21.49
C LEU D 80 -19.39 15.99 -22.09
N LEU D 81 -20.19 16.64 -21.26
CA LEU D 81 -21.08 17.67 -21.77
C LEU D 81 -20.34 18.95 -22.15
N ARG D 82 -19.41 19.42 -21.32
CA ARG D 82 -18.96 20.79 -21.41
C ARG D 82 -17.58 20.97 -22.01
N THR D 83 -16.88 19.90 -22.32
CA THR D 83 -15.54 19.99 -22.91
C THR D 83 -15.59 19.44 -24.32
N PRO D 84 -14.66 19.86 -25.20
CA PRO D 84 -14.71 19.42 -26.60
C PRO D 84 -14.42 17.94 -26.76
N ASP D 85 -14.89 17.40 -27.88
CA ASP D 85 -14.61 16.00 -28.20
C ASP D 85 -13.11 15.74 -28.13
N ARG D 86 -12.77 14.56 -27.61
CA ARG D 86 -11.43 14.02 -27.39
C ARG D 86 -10.67 14.75 -26.30
N ALA D 87 -11.25 15.76 -25.64
CA ALA D 87 -10.50 16.46 -24.60
C ALA D 87 -10.29 15.54 -23.40
N CYS D 88 -9.10 15.63 -22.81
CA CYS D 88 -8.82 14.84 -21.60
C CYS D 88 -9.71 15.34 -20.47
N LEU D 89 -10.21 14.42 -19.65
CA LEU D 89 -11.02 14.76 -18.50
C LEU D 89 -10.15 14.62 -17.28
N ARG D 90 -10.03 15.69 -16.50
CA ARG D 90 -9.16 15.68 -15.31
C ARG D 90 -9.98 15.77 -14.05
N ILE D 91 -9.91 14.72 -13.24
CA ILE D 91 -10.75 14.57 -12.07
C ILE D 91 -9.83 14.41 -10.86
N THR D 92 -10.19 15.06 -9.77
CA THR D 92 -9.50 14.92 -8.48
C THR D 92 -10.54 14.37 -7.52
N LYS D 93 -10.15 13.39 -6.69
CA LYS D 93 -11.00 12.80 -5.66
C LYS D 93 -10.28 12.75 -4.33
N ASN D 94 -10.98 12.97 -3.21
CA ASN D 94 -10.25 12.83 -1.95
C ASN D 94 -10.35 11.43 -1.32
N LEU D 95 -11.08 10.48 -1.90
CA LEU D 95 -11.01 9.08 -1.50
C LEU D 95 -10.36 8.24 -2.58
N ARG D 96 -10.04 7.01 -2.23
CA ARG D 96 -9.60 6.01 -3.20
C ARG D 96 -10.73 5.69 -4.16
N VAL D 97 -10.46 5.68 -5.47
CA VAL D 97 -11.52 5.31 -6.40
C VAL D 97 -11.91 3.85 -6.16
N CYS D 98 -13.22 3.55 -6.16
CA CYS D 98 -13.60 2.16 -5.93
C CYS D 98 -13.46 1.32 -7.23
N ARG D 99 -13.51 0.00 -7.06
CA ARG D 99 -13.32 -0.89 -8.20
C ARG D 99 -14.35 -0.61 -9.30
N ASP D 100 -15.64 -0.45 -8.91
CA ASP D 100 -16.67 -0.19 -9.91
C ASP D 100 -16.44 1.15 -10.65
N CYS D 101 -16.10 2.23 -9.93
CA CYS D 101 -15.84 3.50 -10.62
C CYS D 101 -14.59 3.43 -11.50
N HIS D 102 -13.57 2.67 -11.05
CA HIS D 102 -12.36 2.49 -11.83
C HIS D 102 -12.67 1.79 -13.17
N THR D 103 -13.52 0.75 -13.11
CA THR D 103 -13.98 0.11 -14.35
C THR D 103 -14.77 1.08 -15.22
N PHE D 104 -15.66 1.87 -14.59
CA PHE D 104 -16.46 2.85 -15.33
C PHE D 104 -15.56 3.80 -16.09
N CYS D 105 -14.51 4.29 -15.43
CA CYS D 105 -13.59 5.20 -16.09
C CYS D 105 -12.87 4.51 -17.25
N LYS D 106 -12.42 3.26 -17.06
CA LYS D 106 -11.77 2.52 -18.12
C LYS D 106 -12.70 2.44 -19.35
N LEU D 107 -13.98 2.10 -19.12
CA LEU D 107 -14.89 1.94 -20.25
C LEU D 107 -15.22 3.27 -20.92
N VAL D 108 -15.38 4.34 -20.15
CA VAL D 108 -15.62 5.64 -20.75
C VAL D 108 -14.45 6.08 -21.61
N SER D 109 -13.22 5.85 -21.13
CA SER D 109 -12.02 6.23 -21.89
C SER D 109 -11.95 5.52 -23.24
N LYS D 110 -12.43 4.29 -23.32
CA LYS D 110 -12.47 3.58 -24.57
C LYS D 110 -13.62 4.07 -25.44
N LEU D 111 -14.83 4.04 -24.88
CA LEU D 111 -16.03 4.18 -25.71
C LEU D 111 -16.30 5.62 -26.13
N PHE D 112 -15.83 6.62 -25.35
CA PHE D 112 -15.99 8.03 -25.66
C PHE D 112 -14.69 8.66 -26.15
N ARG D 113 -13.64 7.86 -26.36
CA ARG D 113 -12.40 8.32 -26.99
C ARG D 113 -11.81 9.53 -26.26
N ARG D 114 -11.78 9.45 -24.95
CA ARG D 114 -11.15 10.49 -24.12
C ARG D 114 -10.25 9.82 -23.12
N ASP D 115 -9.06 10.34 -22.97
CA ASP D 115 -8.20 10.00 -21.85
C ASP D 115 -8.76 10.63 -20.58
N ILE D 116 -8.57 9.96 -19.45
CA ILE D 116 -9.00 10.52 -18.19
C ILE D 116 -7.81 10.48 -17.29
N VAL D 117 -7.51 11.60 -16.64
CA VAL D 117 -6.48 11.65 -15.59
C VAL D 117 -7.22 11.86 -14.29
N MET D 118 -7.17 10.88 -13.41
CA MET D 118 -7.81 10.96 -12.10
C MET D 118 -6.73 10.88 -11.05
N ARG D 119 -6.71 11.85 -10.14
CA ARG D 119 -5.84 11.79 -8.97
C ARG D 119 -6.77 11.49 -7.81
N ASP D 120 -6.73 10.26 -7.29
CA ASP D 120 -7.56 9.95 -6.14
C ASP D 120 -6.73 10.16 -4.84
N ALA D 121 -7.17 9.56 -3.75
CA ALA D 121 -6.49 9.77 -2.47
C ALA D 121 -5.01 9.42 -2.52
N ASN D 122 -4.59 8.45 -3.35
CA ASN D 122 -3.25 7.88 -3.23
C ASN D 122 -2.46 7.82 -4.53
N ARG D 123 -3.08 8.05 -5.67
CA ARG D 123 -2.45 7.68 -6.93
C ARG D 123 -2.99 8.51 -8.09
N PHE D 124 -2.15 8.74 -9.10
CA PHE D 124 -2.64 9.18 -10.41
C PHE D 124 -3.04 7.96 -11.23
N HIS D 125 -4.26 7.97 -11.69
CA HIS D 125 -4.76 6.98 -12.64
C HIS D 125 -4.88 7.67 -14.00
N HIS D 126 -4.14 7.17 -15.00
CA HIS D 126 -4.23 7.67 -16.35
C HIS D 126 -4.93 6.60 -17.20
N PHE D 127 -6.21 6.83 -17.49
CA PHE D 127 -7.03 5.92 -18.28
C PHE D 127 -6.89 6.25 -19.76
N GLU D 128 -6.37 5.30 -20.54
CA GLU D 128 -6.26 5.47 -21.99
C GLU D 128 -6.83 4.25 -22.69
N SER D 129 -7.81 4.46 -23.55
CA SER D 129 -8.33 3.40 -24.42
C SER D 129 -8.71 2.14 -23.64
N GLY D 130 -9.33 2.32 -22.46
CA GLY D 130 -9.84 1.16 -21.73
C GLY D 130 -8.93 0.60 -20.67
N LEU D 131 -7.72 1.12 -20.51
CA LEU D 131 -6.72 0.56 -19.61
C LEU D 131 -6.15 1.69 -18.75
N CYS D 132 -5.72 1.36 -17.54
CA CYS D 132 -5.17 2.35 -16.62
C CYS D 132 -3.68 2.13 -16.38
N SER D 133 -2.93 3.26 -16.23
CA SER D 133 -1.52 3.25 -15.84
C SER D 133 -1.27 2.56 -14.50
N CYS D 134 -2.28 2.46 -13.62
CA CYS D 134 -1.98 1.73 -12.39
C CYS D 134 -1.97 0.21 -12.59
N GLY D 135 -2.39 -0.29 -13.76
CA GLY D 135 -2.41 -1.74 -13.99
C GLY D 135 -3.45 -2.47 -13.16
N ASP D 136 -4.43 -1.71 -12.66
CA ASP D 136 -5.51 -2.17 -11.80
C ASP D 136 -5.02 -2.65 -10.44
N SER D 137 -3.89 -2.14 -9.97
CA SER D 137 -3.42 -2.33 -8.60
C SER D 137 -3.29 -0.93 -7.99
N TRP D 138 -4.15 -0.64 -7.01
CA TRP D 138 -4.11 0.68 -6.38
C TRP D 138 -4.73 0.65 -4.99
#